data_9BJC
#
_entry.id   9BJC
#
_cell.length_a   76.332
_cell.length_b   76.332
_cell.length_c   258.708
_cell.angle_alpha   90.00
_cell.angle_beta   90.00
_cell.angle_gamma   120.00
#
_symmetry.space_group_name_H-M   'P 32 2 1'
#
loop_
_entity.id
_entity.type
_entity.pdbx_description
1 polymer 'Cyclin-dependent kinase 2'
2 polymer 'G1/S-specific cyclin-E1'
3 non-polymer (5aS,6S,7S)-3,7-dihydroxy-6-methoxy-1,4,6,9-tetramethyl-6,7-dihydrodibenzo[b,f][1,4]oxazepine-8,11(5aH,10H)-dione
4 water water
#
loop_
_entity_poly.entity_id
_entity_poly.type
_entity_poly.pdbx_seq_one_letter_code
_entity_poly.pdbx_strand_id
1 'polypeptide(L)'
;SMENFQKVEKIGEGTYGVVYKARNKLTGEVVALKKIRLDTETEGVPSTAIREISLLKELNHPNIVKLLDVIHTENKLYLV
FEFLHQDLKKFMDASALTGIPLPLIKSYLFQLLQGLAFCHSHRVLHRDLKPQNLLINTEGAIKLADFGLARAFGVPVRTY
(TPO)HEVVTLWYRAPEILLGCKYYSTAVDIWSLGCIFAEMVTRRALFPGDSEIDQLFRIFRTLGTPDEVVWPGVTSMPD
YKPSFPKWARQDFSKVVPPLDEDGRSLLSQMLHYDPNKRISAKAALAHPFFQDVTKPVPHLRL
;
A
2 'polypeptide(L)'
;SIIAPSRGSPLPVLSWANREEVWKIMLNKEKTYLRDQHFLEQHPLLQPKMRAILLDWLMEVCEVYKLHRETFYLAQDFFD
RYMATQENVVKTLLQLIGISSLFIAAKLEEIYPPKLHQFAYVTDGACSGDEILTMELMIMKALKWRLSPLTIVSWLNVYM
QVAYLNDLHEVLLPQYPQQIFIQIAELLDLCVLDVDCLEFPYGILAASALYHFSSSELMQKVSGYQWCDIENCVKWMVPF
AMVIRETGSSKLKHFRGVADEDAHNIQTHRDSLDLLDKARAKKA
;
B
#
# COMPACT_ATOMS: atom_id res chain seq x y z
N SER A 1 17.49 -13.56 -18.61
CA SER A 1 17.79 -14.60 -17.62
C SER A 1 19.13 -14.34 -16.94
N MET A 2 19.72 -15.40 -16.40
CA MET A 2 21.05 -15.30 -15.82
C MET A 2 22.11 -15.40 -16.90
N GLU A 3 21.75 -14.95 -18.10
CA GLU A 3 22.72 -14.61 -19.13
C GLU A 3 23.44 -13.34 -18.71
N ASN A 4 22.71 -12.22 -18.70
CA ASN A 4 23.27 -10.89 -18.53
C ASN A 4 23.92 -10.65 -17.17
N PHE A 5 23.89 -11.64 -16.28
CA PHE A 5 24.42 -11.48 -14.93
C PHE A 5 25.30 -12.67 -14.56
N GLN A 6 26.41 -12.36 -13.89
CA GLN A 6 27.35 -13.36 -13.39
C GLN A 6 27.30 -13.33 -11.87
N LYS A 7 26.74 -14.38 -11.28
CA LYS A 7 26.75 -14.53 -9.83
C LYS A 7 28.18 -14.60 -9.34
N VAL A 8 28.40 -14.08 -8.12
CA VAL A 8 29.73 -14.03 -7.53
C VAL A 8 29.78 -14.80 -6.25
N GLU A 9 28.76 -14.66 -5.40
CA GLU A 9 28.67 -15.39 -4.15
C GLU A 9 27.31 -15.13 -3.52
N LYS A 10 26.82 -16.12 -2.79
CA LYS A 10 25.72 -15.90 -1.87
C LYS A 10 26.22 -15.03 -0.73
N ILE A 11 25.43 -14.04 -0.34
CA ILE A 11 25.85 -13.10 0.69
C ILE A 11 24.85 -13.03 1.83
N GLY A 12 23.77 -13.77 1.76
CA GLY A 12 22.82 -13.77 2.86
C GLY A 12 21.57 -14.50 2.43
N GLU A 13 20.61 -14.54 3.35
CA GLU A 13 19.35 -15.20 3.04
C GLU A 13 18.29 -14.57 3.98
N GLY A 14 17.73 -13.46 3.52
CA GLY A 14 16.58 -12.89 4.18
C GLY A 14 15.41 -13.87 4.18
N THR A 15 14.37 -13.51 4.95
CA THR A 15 13.23 -14.42 5.08
C THR A 15 12.52 -14.67 3.74
N TYR A 16 12.94 -14.02 2.66
CA TYR A 16 12.30 -14.17 1.36
C TYR A 16 13.04 -15.09 0.41
N GLY A 17 14.33 -15.23 0.59
CA GLY A 17 15.11 -16.02 -0.31
C GLY A 17 16.57 -15.70 -0.11
N VAL A 18 17.37 -16.23 -1.00
CA VAL A 18 18.80 -16.01 -0.94
C VAL A 18 19.13 -14.70 -1.64
N VAL A 19 20.07 -13.95 -1.08
CA VAL A 19 20.60 -12.75 -1.70
C VAL A 19 21.98 -13.07 -2.24
N TYR A 20 22.20 -12.78 -3.53
CA TYR A 20 23.47 -13.01 -4.18
C TYR A 20 24.10 -11.66 -4.55
N LYS A 21 25.42 -11.61 -4.51
CA LYS A 21 26.15 -10.54 -5.17
C LYS A 21 26.40 -10.95 -6.61
N ALA A 22 26.26 -10.02 -7.53
CA ALA A 22 26.45 -10.38 -8.93
C ALA A 22 26.98 -9.19 -9.72
N ARG A 23 27.34 -9.46 -10.97
CA ARG A 23 27.96 -8.49 -11.86
C ARG A 23 27.24 -8.50 -13.20
N ASN A 24 26.77 -7.33 -13.63
CA ASN A 24 26.26 -7.18 -14.99
C ASN A 24 27.37 -7.42 -16.00
N LYS A 25 27.16 -8.37 -16.91
CA LYS A 25 28.21 -8.70 -17.88
C LYS A 25 28.50 -7.55 -18.84
N LEU A 26 27.50 -6.74 -19.17
CA LEU A 26 27.73 -5.69 -20.16
C LEU A 26 28.41 -4.47 -19.54
N THR A 27 27.92 -4.01 -18.39
CA THR A 27 28.44 -2.80 -17.78
C THR A 27 29.49 -3.07 -16.71
N GLY A 28 29.64 -4.30 -16.26
CA GLY A 28 30.45 -4.55 -15.09
C GLY A 28 29.87 -4.04 -13.79
N GLU A 29 28.67 -3.46 -13.80
CA GLU A 29 28.06 -3.00 -12.55
C GLU A 29 27.85 -4.16 -11.59
N VAL A 30 28.15 -3.93 -10.31
CA VAL A 30 27.88 -4.92 -9.27
C VAL A 30 26.47 -4.69 -8.77
N VAL A 31 25.71 -5.76 -8.61
CA VAL A 31 24.33 -5.70 -8.15
C VAL A 31 24.11 -6.78 -7.08
N ALA A 32 22.98 -6.69 -6.42
CA ALA A 32 22.48 -7.73 -5.53
C ALA A 32 21.27 -8.38 -6.18
N LEU A 33 21.12 -9.68 -5.97
CA LEU A 33 20.04 -10.46 -6.56
C LEU A 33 19.29 -11.20 -5.47
N LYS A 34 18.01 -10.91 -5.34
CA LYS A 34 17.10 -11.65 -4.48
C LYS A 34 16.43 -12.72 -5.33
N LYS A 35 16.58 -13.98 -4.94
CA LYS A 35 15.96 -15.10 -5.64
C LYS A 35 14.64 -15.44 -4.96
N ILE A 36 13.56 -15.42 -5.73
CA ILE A 36 12.23 -15.81 -5.28
C ILE A 36 11.88 -17.09 -6.04
N ARG A 37 11.98 -18.24 -5.36
CA ARG A 37 11.61 -19.50 -5.99
C ARG A 37 10.10 -19.57 -6.20
N LEU A 38 9.67 -20.10 -7.35
CA LEU A 38 8.24 -20.19 -7.64
C LEU A 38 7.72 -21.61 -7.59
N ASP A 39 8.58 -22.61 -7.79
CA ASP A 39 8.12 -24.00 -7.74
C ASP A 39 7.80 -24.46 -6.31
N THR A 40 8.29 -23.75 -5.29
CA THR A 40 7.93 -24.00 -3.90
C THR A 40 6.71 -23.19 -3.44
N GLU A 41 6.00 -22.53 -4.34
CA GLU A 41 4.92 -21.61 -3.99
C GLU A 41 3.62 -22.12 -4.60
N THR A 42 2.77 -22.76 -3.77
CA THR A 42 1.44 -23.14 -4.27
C THR A 42 0.63 -21.93 -4.78
N GLU A 43 0.89 -20.72 -4.30
CA GLU A 43 0.11 -19.55 -4.72
C GLU A 43 0.78 -18.72 -5.82
N GLY A 44 1.77 -19.29 -6.51
CA GLY A 44 2.43 -18.56 -7.57
C GLY A 44 3.37 -17.51 -7.00
N VAL A 45 3.33 -16.33 -7.58
CA VAL A 45 4.28 -15.28 -7.18
C VAL A 45 3.80 -14.74 -5.84
N PRO A 46 4.63 -14.80 -4.80
CA PRO A 46 4.18 -14.43 -3.46
C PRO A 46 3.66 -13.00 -3.43
N SER A 47 2.57 -12.80 -2.69
CA SER A 47 2.02 -11.46 -2.56
C SER A 47 3.07 -10.47 -2.06
N THR A 48 3.93 -10.91 -1.14
CA THR A 48 5.01 -10.03 -0.67
C THR A 48 5.95 -9.63 -1.80
N ALA A 49 6.18 -10.52 -2.77
CA ALA A 49 7.02 -10.15 -3.91
C ALA A 49 6.29 -9.23 -4.88
N ILE A 50 5.00 -9.49 -5.15
CA ILE A 50 4.21 -8.59 -6.01
C ILE A 50 4.15 -7.19 -5.40
N ARG A 51 3.89 -7.08 -4.10
CA ARG A 51 3.91 -5.79 -3.42
C ARG A 51 5.27 -5.13 -3.53
N GLU A 52 6.32 -5.87 -3.18
CA GLU A 52 7.64 -5.25 -3.18
C GLU A 52 8.00 -4.74 -4.56
N ILE A 53 7.76 -5.53 -5.59
CA ILE A 53 8.14 -5.11 -6.93
C ILE A 53 7.34 -3.89 -7.36
N SER A 54 6.01 -3.97 -7.29
CA SER A 54 5.20 -2.88 -7.79
C SER A 54 5.41 -1.60 -7.00
N LEU A 55 5.73 -1.71 -5.70
CA LEU A 55 5.92 -0.48 -4.93
C LEU A 55 7.27 0.16 -5.26
N LEU A 56 8.32 -0.65 -5.35
CA LEU A 56 9.63 -0.11 -5.67
C LEU A 56 9.71 0.44 -7.10
N LYS A 57 8.85 -0.01 -8.02
CA LYS A 57 8.75 0.68 -9.31
C LYS A 57 8.21 2.10 -9.15
N GLU A 58 7.39 2.36 -8.14
CA GLU A 58 6.84 3.71 -7.95
C GLU A 58 7.71 4.60 -7.08
N LEU A 59 8.66 4.03 -6.34
CA LEU A 59 9.41 4.76 -5.32
C LEU A 59 10.88 4.88 -5.76
N ASN A 60 11.19 5.98 -6.43
CA ASN A 60 12.58 6.31 -6.75
C ASN A 60 12.98 7.46 -5.84
N HIS A 61 13.85 7.19 -4.88
CA HIS A 61 14.32 8.19 -3.93
C HIS A 61 15.71 7.81 -3.47
N PRO A 62 16.59 8.79 -3.22
CA PRO A 62 17.97 8.46 -2.87
C PRO A 62 18.12 7.57 -1.64
N ASN A 63 17.17 7.58 -0.71
CA ASN A 63 17.25 6.79 0.52
C ASN A 63 16.29 5.60 0.52
N ILE A 64 16.02 5.06 -0.67
CA ILE A 64 15.27 3.83 -0.84
C ILE A 64 16.03 2.99 -1.86
N VAL A 65 16.30 1.73 -1.51
CA VAL A 65 17.05 0.86 -2.40
C VAL A 65 16.40 0.83 -3.77
N LYS A 66 17.21 0.90 -4.81
CA LYS A 66 16.68 0.95 -6.17
C LYS A 66 16.55 -0.46 -6.71
N LEU A 67 15.38 -0.77 -7.24
CA LEU A 67 15.11 -2.00 -7.96
C LEU A 67 15.47 -1.76 -9.42
N LEU A 68 16.45 -2.51 -9.92
CA LEU A 68 16.92 -2.25 -11.27
C LEU A 68 16.18 -3.06 -12.32
N ASP A 69 15.66 -4.23 -11.97
CA ASP A 69 15.09 -5.11 -12.98
C ASP A 69 14.46 -6.30 -12.29
N VAL A 70 13.59 -6.99 -13.02
CA VAL A 70 12.95 -8.21 -12.56
C VAL A 70 13.10 -9.25 -13.67
N ILE A 71 13.79 -10.34 -13.38
CA ILE A 71 14.05 -11.38 -14.35
C ILE A 71 13.26 -12.62 -13.99
N HIS A 72 12.51 -13.15 -14.96
CA HIS A 72 11.78 -14.41 -14.82
C HIS A 72 12.52 -15.47 -15.63
N THR A 73 13.09 -16.45 -14.92
CA THR A 73 13.76 -17.55 -15.59
C THR A 73 13.50 -18.85 -14.83
N GLU A 74 13.33 -19.94 -15.59
CA GLU A 74 13.02 -21.26 -15.03
C GLU A 74 11.76 -21.09 -14.18
N ASN A 75 11.74 -21.52 -12.93
CA ASN A 75 10.65 -21.23 -12.01
C ASN A 75 11.13 -20.30 -10.90
N LYS A 76 11.97 -19.33 -11.29
CA LYS A 76 12.50 -18.36 -10.36
C LYS A 76 12.17 -16.94 -10.82
N LEU A 77 12.05 -16.06 -9.85
CA LEU A 77 12.03 -14.63 -10.10
C LEU A 77 13.29 -14.07 -9.49
N TYR A 78 14.03 -13.29 -10.28
CA TYR A 78 15.24 -12.63 -9.80
C TYR A 78 14.97 -11.13 -9.73
N LEU A 79 15.11 -10.56 -8.54
CA LEU A 79 14.97 -9.13 -8.32
C LEU A 79 16.37 -8.52 -8.29
N VAL A 80 16.70 -7.72 -9.29
CA VAL A 80 18.00 -7.06 -9.38
C VAL A 80 17.93 -5.73 -8.65
N PHE A 81 18.76 -5.57 -7.62
CA PHE A 81 18.83 -4.35 -6.82
C PHE A 81 20.20 -3.70 -6.96
N GLU A 82 20.25 -2.39 -6.68
CA GLU A 82 21.54 -1.76 -6.48
C GLU A 82 22.23 -2.41 -5.30
N PHE A 83 23.56 -2.36 -5.30
CA PHE A 83 24.34 -3.08 -4.32
C PHE A 83 24.77 -2.15 -3.20
N LEU A 84 24.42 -2.52 -1.97
CA LEU A 84 24.96 -1.89 -0.78
C LEU A 84 25.70 -2.94 0.03
N HIS A 85 26.61 -2.49 0.89
CA HIS A 85 27.63 -3.37 1.45
C HIS A 85 27.22 -4.06 2.74
N GLN A 86 26.39 -3.43 3.58
CA GLN A 86 26.15 -3.92 4.93
C GLN A 86 24.80 -3.44 5.42
N ASP A 87 24.12 -4.28 6.21
CA ASP A 87 22.91 -3.89 6.91
C ASP A 87 23.26 -3.32 8.29
N LEU A 88 22.30 -2.64 8.91
CA LEU A 88 22.59 -1.94 10.15
C LEU A 88 22.68 -2.87 11.35
N LYS A 89 21.97 -4.00 11.33
CA LYS A 89 22.05 -4.98 12.42
C LYS A 89 23.47 -5.55 12.52
N LYS A 90 23.99 -6.07 11.41
CA LYS A 90 25.36 -6.60 11.40
C LYS A 90 26.39 -5.51 11.60
N PHE A 91 26.08 -4.27 11.19
CA PHE A 91 27.04 -3.19 11.37
C PHE A 91 27.16 -2.79 12.84
N MET A 92 26.06 -2.83 13.58
CA MET A 92 26.10 -2.44 14.98
C MET A 92 26.78 -3.51 15.83
N ASP A 93 26.39 -4.78 15.62
CA ASP A 93 26.97 -5.89 16.36
C ASP A 93 28.49 -5.94 16.21
N ALA A 94 29.01 -5.47 15.07
CA ALA A 94 30.45 -5.37 14.88
C ALA A 94 31.05 -4.12 15.52
N SER A 95 30.24 -3.06 15.66
CA SER A 95 30.68 -1.84 16.32
C SER A 95 30.23 -1.74 17.77
N ALA A 96 29.56 -2.78 18.29
CA ALA A 96 29.00 -2.73 19.64
C ALA A 96 30.08 -2.60 20.70
N LEU A 97 31.33 -2.96 20.40
CA LEU A 97 32.42 -2.85 21.36
C LEU A 97 32.70 -1.39 21.70
N THR A 98 32.65 -0.50 20.71
CA THR A 98 32.89 0.92 20.89
C THR A 98 31.62 1.75 20.80
N GLY A 99 30.47 1.11 20.56
CA GLY A 99 29.27 1.83 20.20
C GLY A 99 29.40 2.41 18.80
N ILE A 100 28.30 2.93 18.25
CA ILE A 100 28.34 3.59 16.96
C ILE A 100 28.58 5.08 17.20
N PRO A 101 29.58 5.67 16.56
CA PRO A 101 29.86 7.10 16.78
C PRO A 101 28.61 7.95 16.56
N LEU A 102 28.50 9.02 17.34
CA LEU A 102 27.35 9.91 17.35
C LEU A 102 27.17 10.76 16.08
N PRO A 103 28.23 11.28 15.44
CA PRO A 103 27.98 12.03 14.20
C PRO A 103 27.35 11.17 13.12
N LEU A 104 27.66 9.87 13.11
CA LEU A 104 27.00 8.96 12.18
C LEU A 104 25.55 8.72 12.56
N ILE A 105 25.27 8.58 13.86
CA ILE A 105 23.89 8.37 14.30
C ILE A 105 23.00 9.52 13.85
N LYS A 106 23.53 10.75 13.82
CA LYS A 106 22.75 11.88 13.34
C LYS A 106 22.41 11.75 11.86
N SER A 107 23.40 11.39 11.03
CA SER A 107 23.17 11.28 9.60
C SER A 107 22.23 10.14 9.28
N TYR A 108 22.49 8.96 9.82
CA TYR A 108 21.70 7.78 9.51
C TYR A 108 20.24 7.99 9.87
N LEU A 109 19.97 8.48 11.08
CA LEU A 109 18.59 8.81 11.43
C LEU A 109 18.01 9.86 10.48
N PHE A 110 18.78 10.92 10.19
CA PHE A 110 18.28 11.95 9.27
C PHE A 110 17.88 11.35 7.93
N GLN A 111 18.74 10.48 7.37
CA GLN A 111 18.44 9.92 6.05
C GLN A 111 17.28 8.95 6.10
N LEU A 112 17.22 8.11 7.13
CA LEU A 112 16.09 7.20 7.25
C LEU A 112 14.77 7.96 7.27
N LEU A 113 14.76 9.18 7.81
CA LEU A 113 13.53 9.97 7.82
C LEU A 113 13.21 10.61 6.48
N GLN A 114 14.19 10.87 5.62
CA GLN A 114 13.84 11.32 4.28
C GLN A 114 13.33 10.16 3.44
N GLY A 115 13.89 8.97 3.64
CA GLY A 115 13.34 7.80 3.01
C GLY A 115 11.90 7.57 3.45
N LEU A 116 11.64 7.72 4.75
CA LEU A 116 10.30 7.45 5.30
C LEU A 116 9.32 8.55 4.93
N ALA A 117 9.73 9.81 5.04
CA ALA A 117 8.87 10.90 4.59
C ALA A 117 8.44 10.69 3.15
N PHE A 118 9.36 10.20 2.31
CA PHE A 118 9.02 9.93 0.93
C PHE A 118 7.96 8.83 0.83
N CYS A 119 8.16 7.72 1.54
CA CYS A 119 7.17 6.65 1.49
C CYS A 119 5.80 7.15 1.91
N HIS A 120 5.73 7.91 3.01
CA HIS A 120 4.44 8.32 3.55
C HIS A 120 3.75 9.33 2.63
N SER A 121 4.51 10.15 1.92
CA SER A 121 3.86 11.07 0.99
C SER A 121 3.33 10.32 -0.23
N HIS A 122 3.95 9.20 -0.59
CA HIS A 122 3.40 8.27 -1.58
C HIS A 122 2.42 7.29 -0.97
N ARG A 123 2.02 7.50 0.28
CA ARG A 123 1.05 6.65 0.97
C ARG A 123 1.49 5.19 0.99
N VAL A 124 2.72 4.96 1.46
CA VAL A 124 3.24 3.61 1.65
C VAL A 124 3.67 3.46 3.09
N LEU A 125 3.18 2.43 3.76
CA LEU A 125 3.69 2.03 5.05
C LEU A 125 4.78 0.99 4.86
N HIS A 126 5.92 1.15 5.54
CA HIS A 126 6.97 0.16 5.37
C HIS A 126 6.68 -1.09 6.18
N ARG A 127 6.43 -0.92 7.49
CA ARG A 127 5.94 -1.93 8.41
C ARG A 127 6.97 -3.01 8.74
N ASP A 128 8.23 -2.80 8.41
CA ASP A 128 9.27 -3.66 8.98
C ASP A 128 10.60 -2.91 9.00
N LEU A 129 10.59 -1.72 9.60
CA LEU A 129 11.82 -0.95 9.79
C LEU A 129 12.59 -1.54 10.98
N LYS A 130 13.41 -2.53 10.70
CA LYS A 130 14.36 -3.10 11.65
C LYS A 130 15.76 -2.95 11.07
N PRO A 131 16.80 -2.94 11.92
CA PRO A 131 18.14 -2.66 11.40
C PRO A 131 18.58 -3.61 10.30
N GLN A 132 18.21 -4.89 10.39
CA GLN A 132 18.59 -5.82 9.34
C GLN A 132 18.08 -5.38 7.96
N ASN A 133 17.01 -4.59 7.90
CA ASN A 133 16.43 -4.15 6.64
C ASN A 133 16.91 -2.80 6.18
N LEU A 134 17.81 -2.15 6.92
CA LEU A 134 18.36 -0.85 6.55
C LEU A 134 19.79 -1.07 6.07
N LEU A 135 20.06 -0.69 4.83
CA LEU A 135 21.30 -1.05 4.16
C LEU A 135 22.20 0.17 3.98
N ILE A 136 23.46 0.02 4.35
CA ILE A 136 24.44 1.09 4.25
C ILE A 136 25.49 0.69 3.23
N ASN A 137 26.10 1.70 2.60
CA ASN A 137 27.23 1.52 1.71
C ASN A 137 28.47 2.16 2.31
N THR A 138 29.59 2.03 1.60
CA THR A 138 30.83 2.64 2.08
C THR A 138 30.76 4.17 2.04
N GLU A 139 29.96 4.75 1.16
CA GLU A 139 29.90 6.19 0.98
C GLU A 139 29.06 6.90 2.04
N GLY A 140 28.52 6.18 3.03
CA GLY A 140 27.83 6.80 4.14
C GLY A 140 26.33 6.89 4.02
N ALA A 141 25.75 6.61 2.86
CA ALA A 141 24.30 6.66 2.71
C ALA A 141 23.66 5.40 3.30
N ILE A 142 22.46 5.57 3.83
CA ILE A 142 21.65 4.47 4.33
C ILE A 142 20.31 4.48 3.60
N LYS A 143 19.77 3.30 3.31
CA LYS A 143 18.58 3.22 2.47
C LYS A 143 17.59 2.22 3.05
N LEU A 144 16.31 2.47 2.80
CA LEU A 144 15.29 1.50 3.18
C LEU A 144 15.26 0.39 2.14
N ALA A 145 15.17 -0.85 2.62
CA ALA A 145 15.12 -2.02 1.76
C ALA A 145 14.06 -2.95 2.30
N ASP A 146 13.79 -4.02 1.55
CA ASP A 146 12.86 -5.08 1.94
C ASP A 146 11.44 -4.54 2.18
N PHE A 147 10.82 -4.12 1.08
CA PHE A 147 9.44 -3.65 1.06
C PHE A 147 8.43 -4.80 0.96
N GLY A 148 8.85 -6.04 1.21
CA GLY A 148 7.93 -7.17 1.17
C GLY A 148 6.81 -7.10 2.19
N LEU A 149 7.05 -6.46 3.32
CA LEU A 149 6.02 -6.27 4.31
C LEU A 149 5.24 -4.98 4.12
N ALA A 150 5.55 -4.19 3.10
CA ALA A 150 4.96 -2.88 2.96
C ALA A 150 3.50 -2.99 2.53
N ARG A 151 2.79 -1.86 2.63
CA ARG A 151 1.44 -1.80 2.08
C ARG A 151 1.08 -0.35 1.77
N ALA A 152 0.49 -0.14 0.60
CA ALA A 152 -0.01 1.19 0.25
C ALA A 152 -1.34 1.40 0.98
N PHE A 153 -1.45 2.51 1.70
CA PHE A 153 -2.69 2.74 2.43
C PHE A 153 -3.63 3.62 1.63
N GLY A 154 -4.92 3.35 1.79
CA GLY A 154 -5.94 4.17 1.18
C GLY A 154 -6.23 5.43 1.99
N VAL A 155 -7.00 6.32 1.36
CA VAL A 155 -7.62 7.44 2.02
C VAL A 155 -9.13 7.27 1.89
N PRO A 156 -9.80 6.80 2.95
CA PRO A 156 -9.29 6.44 4.28
C PRO A 156 -8.63 5.04 4.29
N VAL A 157 -8.02 4.65 5.41
CA VAL A 157 -7.48 3.30 5.56
C VAL A 157 -8.61 2.37 5.95
N ARG A 158 -8.37 1.07 5.88
CA ARG A 158 -9.19 0.12 6.61
C ARG A 158 -8.28 -0.69 7.52
N THR A 159 -8.87 -1.66 8.22
CA THR A 159 -8.07 -2.58 9.01
C THR A 159 -7.09 -3.32 8.09
N TYR A 160 -5.82 -3.25 8.44
CA TYR A 160 -4.81 -3.99 7.71
C TYR A 160 -4.32 -5.15 8.59
N HIS A 162 -2.90 -7.55 11.10
CA HIS A 162 -2.41 -7.30 12.45
C HIS A 162 -1.05 -7.99 12.59
N GLU A 163 -0.30 -7.61 13.61
CA GLU A 163 1.02 -8.18 13.82
C GLU A 163 1.84 -7.96 12.56
N VAL A 164 2.27 -6.73 12.35
CA VAL A 164 3.32 -6.39 11.40
C VAL A 164 4.48 -5.89 12.23
N VAL A 165 5.62 -5.72 11.57
CA VAL A 165 6.86 -5.23 12.18
C VAL A 165 7.40 -6.27 13.17
N THR A 166 8.70 -6.54 13.07
CA THR A 166 9.38 -7.40 14.02
C THR A 166 9.11 -6.93 15.45
N LEU A 167 8.90 -7.88 16.35
CA LEU A 167 8.25 -7.59 17.64
C LEU A 167 8.98 -6.52 18.42
N TRP A 168 10.32 -6.57 18.46
CA TRP A 168 11.08 -5.57 19.19
C TRP A 168 10.77 -4.15 18.71
N TYR A 169 10.30 -3.99 17.49
CA TYR A 169 10.12 -2.68 16.90
C TYR A 169 8.65 -2.32 16.67
N ARG A 170 7.73 -3.11 17.20
CA ARG A 170 6.32 -2.95 16.90
C ARG A 170 5.69 -1.90 17.82
N ALA A 171 4.96 -0.98 17.22
CA ALA A 171 4.35 0.13 17.95
C ALA A 171 3.25 -0.39 18.89
N PRO A 172 3.02 0.30 20.01
CA PRO A 172 2.10 -0.23 21.03
C PRO A 172 0.65 -0.34 20.56
N GLU A 173 0.18 0.54 19.68
CA GLU A 173 -1.20 0.45 19.21
C GLU A 173 -1.46 -0.86 18.48
N ILE A 174 -0.49 -1.35 17.71
CA ILE A 174 -0.60 -2.67 17.09
C ILE A 174 -0.68 -3.74 18.17
N LEU A 175 0.17 -3.64 19.19
CA LEU A 175 0.16 -4.64 20.25
C LEU A 175 -1.11 -4.61 21.06
N LEU A 176 -1.73 -3.43 21.21
CA LEU A 176 -3.00 -3.32 21.91
C LEU A 176 -4.18 -3.72 21.04
N GLY A 177 -3.96 -4.02 19.76
CA GLY A 177 -5.01 -4.48 18.88
C GLY A 177 -5.88 -3.40 18.28
N CYS A 178 -5.33 -2.22 17.99
CA CYS A 178 -6.14 -1.13 17.47
C CYS A 178 -6.74 -1.53 16.11
N LYS A 179 -7.96 -1.05 15.87
CA LYS A 179 -8.62 -1.32 14.60
C LYS A 179 -7.84 -0.76 13.43
N TYR A 180 -7.37 0.49 13.54
CA TYR A 180 -6.69 1.17 12.47
C TYR A 180 -5.27 1.52 12.88
N TYR A 181 -4.36 1.52 11.91
CA TYR A 181 -3.02 2.05 12.12
C TYR A 181 -2.52 2.62 10.80
N SER A 182 -1.65 3.62 10.88
CA SER A 182 -1.07 4.17 9.66
C SER A 182 0.39 4.59 9.85
N THR A 183 0.70 5.84 9.53
CA THR A 183 2.09 6.27 9.42
C THR A 183 2.84 6.20 10.75
N ALA A 184 2.12 6.38 11.87
CA ALA A 184 2.79 6.43 13.16
C ALA A 184 3.57 5.15 13.46
N VAL A 185 3.18 4.00 12.89
CA VAL A 185 3.87 2.77 13.29
C VAL A 185 5.29 2.75 12.73
N ASP A 186 5.53 3.44 11.61
CA ASP A 186 6.90 3.50 11.09
C ASP A 186 7.75 4.42 11.95
N ILE A 187 7.17 5.53 12.44
CA ILE A 187 7.91 6.44 13.30
C ILE A 187 8.37 5.74 14.57
N TRP A 188 7.45 5.01 15.22
CA TRP A 188 7.81 4.25 16.41
C TRP A 188 9.02 3.38 16.17
N SER A 189 9.04 2.64 15.05
CA SER A 189 10.16 1.74 14.78
C SER A 189 11.46 2.52 14.63
N LEU A 190 11.39 3.72 14.04
CA LEU A 190 12.60 4.51 13.89
C LEU A 190 13.09 5.03 15.24
N GLY A 191 12.17 5.32 16.16
CA GLY A 191 12.58 5.65 17.52
C GLY A 191 13.31 4.49 18.19
N CYS A 192 12.74 3.29 18.11
CA CYS A 192 13.40 2.09 18.65
C CYS A 192 14.79 1.91 18.07
N ILE A 193 14.98 2.24 16.80
CA ILE A 193 16.25 2.08 16.12
C ILE A 193 17.20 3.22 16.48
N PHE A 194 16.66 4.42 16.64
CA PHE A 194 17.45 5.55 17.13
C PHE A 194 18.13 5.20 18.46
N ALA A 195 17.34 4.74 19.43
CA ALA A 195 17.87 4.45 20.75
C ALA A 195 18.69 3.16 20.80
N GLU A 196 18.42 2.22 19.88
CA GLU A 196 19.25 1.02 19.81
C GLU A 196 20.66 1.37 19.31
N MET A 197 20.76 2.29 18.35
CA MET A 197 22.07 2.74 17.90
C MET A 197 22.86 3.39 19.03
N VAL A 198 22.19 4.20 19.85
CA VAL A 198 22.87 4.98 20.88
C VAL A 198 23.39 4.05 21.98
N THR A 199 22.50 3.25 22.57
CA THR A 199 22.88 2.37 23.67
C THR A 199 23.51 1.06 23.22
N ARG A 200 23.56 0.79 21.91
CA ARG A 200 24.22 -0.38 21.33
C ARG A 200 23.42 -1.66 21.54
N ARG A 201 22.39 -1.61 22.41
CA ARG A 201 21.49 -2.73 22.64
C ARG A 201 20.08 -2.34 22.22
N ALA A 202 19.26 -3.36 21.93
CA ALA A 202 17.89 -3.13 21.52
C ALA A 202 17.11 -2.42 22.62
N LEU A 203 16.21 -1.52 22.23
CA LEU A 203 15.53 -0.68 23.20
C LEU A 203 14.42 -1.41 23.94
N PHE A 204 13.65 -2.25 23.23
CA PHE A 204 12.57 -3.01 23.83
C PHE A 204 12.68 -4.47 23.40
N PRO A 205 13.61 -5.22 24.02
CA PRO A 205 13.86 -6.62 23.58
C PRO A 205 12.91 -7.63 24.21
N GLY A 206 11.62 -7.46 23.97
CA GLY A 206 10.65 -8.42 24.44
C GLY A 206 10.72 -9.71 23.65
N ASP A 207 10.14 -10.77 24.23
CA ASP A 207 10.10 -12.06 23.56
C ASP A 207 8.69 -12.65 23.58
N SER A 208 7.67 -11.80 23.57
CA SER A 208 6.28 -12.21 23.42
C SER A 208 5.45 -10.95 23.20
N GLU A 209 4.21 -11.15 22.78
CA GLU A 209 3.32 -10.01 22.59
C GLU A 209 3.12 -9.23 23.90
N ILE A 210 2.70 -9.93 24.95
CA ILE A 210 2.45 -9.25 26.23
C ILE A 210 3.76 -8.84 26.87
N ASP A 211 4.83 -9.59 26.65
CA ASP A 211 6.13 -9.21 27.20
C ASP A 211 6.66 -7.95 26.53
N GLN A 212 6.49 -7.83 25.21
CA GLN A 212 6.94 -6.64 24.49
C GLN A 212 6.19 -5.39 24.95
N LEU A 213 4.88 -5.52 25.20
CA LEU A 213 4.11 -4.46 25.83
C LEU A 213 4.80 -3.97 27.10
N PHE A 214 5.18 -4.90 27.97
CA PHE A 214 5.64 -4.52 29.30
C PHE A 214 7.00 -3.84 29.24
N ARG A 215 7.88 -4.28 28.34
CA ARG A 215 9.17 -3.61 28.19
C ARG A 215 8.99 -2.15 27.81
N ILE A 216 7.90 -1.83 27.10
CA ILE A 216 7.63 -0.45 26.74
C ILE A 216 7.10 0.33 27.94
N PHE A 217 6.19 -0.27 28.71
CA PHE A 217 5.66 0.43 29.87
C PHE A 217 6.76 0.69 30.90
N ARG A 218 7.64 -0.30 31.13
CA ARG A 218 8.72 -0.15 32.11
C ARG A 218 9.55 1.09 31.83
N THR A 219 9.67 1.48 30.57
CA THR A 219 10.53 2.57 30.14
C THR A 219 9.79 3.89 29.93
N LEU A 220 8.57 3.83 29.40
CA LEU A 220 7.81 5.03 29.09
C LEU A 220 6.68 5.29 30.07
N GLY A 221 6.50 4.43 31.05
CA GLY A 221 5.35 4.54 31.93
C GLY A 221 4.15 3.84 31.35
N THR A 222 3.33 3.25 32.20
CA THR A 222 2.12 2.62 31.70
C THR A 222 1.13 3.70 31.30
N PRO A 223 0.74 3.78 30.04
CA PRO A 223 -0.17 4.87 29.62
C PRO A 223 -1.52 4.78 30.31
N ASP A 224 -2.27 5.87 30.20
CA ASP A 224 -3.60 5.99 30.81
C ASP A 224 -4.47 6.84 29.88
N GLU A 225 -5.67 7.16 30.37
CA GLU A 225 -6.61 7.88 29.52
C GLU A 225 -6.17 9.32 29.26
N VAL A 226 -5.37 9.90 30.17
CA VAL A 226 -4.93 11.28 30.00
C VAL A 226 -3.88 11.36 28.90
N VAL A 227 -2.87 10.49 28.97
CA VAL A 227 -1.82 10.52 27.95
C VAL A 227 -2.26 9.93 26.63
N TRP A 228 -3.26 9.05 26.62
CA TRP A 228 -3.67 8.33 25.41
C TRP A 228 -5.16 8.06 25.49
N PRO A 229 -5.98 9.05 25.15
CA PRO A 229 -7.44 8.85 25.24
C PRO A 229 -7.88 7.63 24.46
N GLY A 230 -8.71 6.81 25.11
CA GLY A 230 -9.26 5.61 24.52
C GLY A 230 -8.48 4.34 24.77
N VAL A 231 -7.38 4.41 25.51
CA VAL A 231 -6.45 3.29 25.55
C VAL A 231 -7.03 2.13 26.34
N THR A 232 -7.73 2.42 27.45
CA THR A 232 -8.23 1.35 28.31
C THR A 232 -9.33 0.54 27.63
N SER A 233 -9.94 1.08 26.58
CA SER A 233 -10.96 0.36 25.84
C SER A 233 -10.41 -0.36 24.62
N MET A 234 -9.08 -0.39 24.45
CA MET A 234 -8.55 -1.14 23.32
C MET A 234 -8.58 -2.64 23.61
N PRO A 235 -8.77 -3.47 22.59
CA PRO A 235 -9.15 -4.87 22.85
C PRO A 235 -8.09 -5.71 23.52
N ASP A 236 -6.80 -5.47 23.29
CA ASP A 236 -5.78 -6.29 23.94
C ASP A 236 -5.34 -5.72 25.28
N TYR A 237 -6.07 -4.74 25.80
CA TYR A 237 -5.73 -4.10 27.06
C TYR A 237 -6.48 -4.74 28.20
N LYS A 238 -5.76 -4.99 29.28
CA LYS A 238 -6.31 -5.52 30.51
C LYS A 238 -6.08 -4.57 31.68
N PRO A 239 -6.99 -4.49 32.66
CA PRO A 239 -6.72 -3.65 33.83
C PRO A 239 -5.66 -4.21 34.75
N SER A 240 -5.43 -5.52 34.74
CA SER A 240 -4.37 -6.18 35.53
C SER A 240 -2.96 -5.72 35.17
N PHE A 241 -2.79 -4.88 34.15
CA PHE A 241 -1.46 -4.45 33.72
C PHE A 241 -0.74 -3.73 34.86
N PRO A 242 0.56 -3.98 35.05
CA PRO A 242 1.30 -3.33 36.15
C PRO A 242 1.64 -1.89 35.79
N LYS A 243 1.32 -0.96 36.71
CA LYS A 243 1.50 0.47 36.46
C LYS A 243 2.94 0.87 36.75
N TRP A 244 3.75 0.93 35.69
CA TRP A 244 5.12 1.42 35.80
C TRP A 244 5.12 2.95 35.70
N ALA A 245 6.30 3.53 35.76
CA ALA A 245 6.46 4.98 35.71
C ALA A 245 7.60 5.32 34.77
N ARG A 246 7.49 6.51 34.18
CA ARG A 246 8.45 6.93 33.17
C ARG A 246 9.86 7.00 33.76
N GLN A 247 10.86 6.91 32.88
CA GLN A 247 12.25 7.09 33.23
C GLN A 247 12.81 8.37 32.62
N ASP A 248 13.68 9.04 33.36
CA ASP A 248 14.54 10.05 32.76
C ASP A 248 15.18 9.47 31.51
N PHE A 249 15.27 10.29 30.46
CA PHE A 249 15.96 9.83 29.27
C PHE A 249 17.47 9.97 29.39
N SER A 250 17.96 10.69 30.41
CA SER A 250 19.38 10.53 30.74
C SER A 250 19.68 9.10 31.15
N LYS A 251 18.69 8.39 31.70
CA LYS A 251 18.85 7.02 32.17
C LYS A 251 18.57 6.00 31.08
N VAL A 252 17.60 6.28 30.20
CA VAL A 252 17.31 5.36 29.12
C VAL A 252 18.32 5.51 27.98
N VAL A 253 18.74 6.73 27.69
CA VAL A 253 19.72 7.00 26.64
C VAL A 253 20.75 8.02 27.13
N PRO A 254 21.79 7.58 27.85
CA PRO A 254 22.75 8.53 28.43
C PRO A 254 23.44 9.40 27.39
N PRO A 255 23.96 8.84 26.26
CA PRO A 255 24.74 9.69 25.35
C PRO A 255 23.97 10.81 24.68
N LEU A 256 22.70 11.01 24.99
CA LEU A 256 21.84 11.93 24.24
C LEU A 256 21.67 13.25 24.96
N ASP A 257 21.76 14.34 24.18
CA ASP A 257 21.59 15.70 24.70
C ASP A 257 20.11 16.02 24.83
N GLU A 258 19.79 17.29 25.10
CA GLU A 258 18.39 17.68 25.27
C GLU A 258 17.61 17.53 23.97
N ASP A 259 18.21 17.94 22.84
CA ASP A 259 17.56 17.79 21.54
C ASP A 259 17.30 16.32 21.23
N GLY A 260 18.23 15.43 21.62
CA GLY A 260 18.03 14.01 21.35
C GLY A 260 16.93 13.41 22.18
N ARG A 261 16.82 13.81 23.45
CA ARG A 261 15.76 13.31 24.29
C ARG A 261 14.41 13.87 23.84
N SER A 262 14.40 15.11 23.31
CA SER A 262 13.18 15.70 22.76
C SER A 262 12.69 14.92 21.56
N LEU A 263 13.46 14.91 20.47
CA LEU A 263 13.04 14.24 19.26
C LEU A 263 12.65 12.79 19.53
N LEU A 264 13.46 12.10 20.34
CA LEU A 264 13.22 10.68 20.61
C LEU A 264 11.89 10.48 21.32
N SER A 265 11.63 11.26 22.37
CA SER A 265 10.40 11.13 23.12
C SER A 265 9.18 11.49 22.28
N GLN A 266 9.36 12.29 21.22
CA GLN A 266 8.25 12.58 20.32
C GLN A 266 7.97 11.40 19.40
N MET A 267 9.02 10.66 19.01
CA MET A 267 8.83 9.49 18.16
C MET A 267 8.19 8.34 18.93
N LEU A 268 8.37 8.30 20.24
CA LEU A 268 7.79 7.24 21.05
C LEU A 268 6.56 7.70 21.81
N HIS A 269 5.96 8.83 21.41
CA HIS A 269 4.71 9.25 22.01
C HIS A 269 3.64 8.17 21.82
N TYR A 270 2.94 7.87 22.91
CA TYR A 270 2.01 6.74 22.91
C TYR A 270 0.87 6.95 21.91
N ASP A 271 0.19 8.09 21.99
CA ASP A 271 -0.97 8.35 21.14
C ASP A 271 -0.53 8.49 19.69
N PRO A 272 -0.99 7.61 18.78
CA PRO A 272 -0.52 7.69 17.39
C PRO A 272 -0.89 8.97 16.69
N ASN A 273 -1.95 9.67 17.15
CA ASN A 273 -2.30 10.93 16.52
C ASN A 273 -1.42 12.08 16.97
N LYS A 274 -0.83 11.98 18.14
CA LYS A 274 0.10 12.98 18.64
C LYS A 274 1.55 12.63 18.35
N ARG A 275 1.82 11.42 17.87
CA ARG A 275 3.18 11.03 17.53
C ARG A 275 3.69 11.87 16.36
N ILE A 276 4.99 12.15 16.37
CA ILE A 276 5.59 13.08 15.40
C ILE A 276 5.67 12.40 14.04
N SER A 277 5.45 13.17 12.98
CA SER A 277 5.58 12.66 11.62
C SER A 277 7.04 12.69 11.16
N ALA A 278 7.33 11.94 10.09
CA ALA A 278 8.66 12.00 9.50
C ALA A 278 8.94 13.37 8.92
N LYS A 279 7.93 14.03 8.34
CA LYS A 279 8.10 15.38 7.83
C LYS A 279 8.49 16.34 8.95
N ALA A 280 7.78 16.27 10.08
CA ALA A 280 8.12 17.15 11.21
C ALA A 280 9.44 16.75 11.83
N ALA A 281 9.71 15.44 11.92
CA ALA A 281 10.95 14.99 12.55
C ALA A 281 12.18 15.51 11.82
N LEU A 282 12.09 15.69 10.51
CA LEU A 282 13.21 16.24 9.76
C LEU A 282 13.50 17.69 10.16
N ALA A 283 12.46 18.43 10.56
CA ALA A 283 12.63 19.83 10.93
C ALA A 283 13.05 20.04 12.37
N HIS A 284 13.12 18.99 13.17
CA HIS A 284 13.40 19.15 14.58
C HIS A 284 14.81 19.71 14.74
N PRO A 285 15.05 20.57 15.73
CA PRO A 285 16.37 21.21 15.85
C PRO A 285 17.56 20.25 15.85
N PHE A 286 17.36 19.00 16.30
CA PHE A 286 18.41 18.00 16.34
C PHE A 286 19.20 17.90 15.04
N PHE A 287 18.55 18.12 13.90
CA PHE A 287 19.24 18.11 12.61
C PHE A 287 19.61 19.52 12.19
N GLN A 288 20.17 20.29 13.12
CA GLN A 288 20.59 21.66 12.83
C GLN A 288 21.69 21.68 11.77
N ASP A 289 22.81 21.03 12.05
CA ASP A 289 23.93 20.88 11.11
C ASP A 289 24.26 19.39 11.03
N VAL A 290 23.44 18.64 10.28
CA VAL A 290 23.64 17.20 10.16
C VAL A 290 24.72 16.92 9.13
N THR A 291 25.52 15.89 9.39
CA THR A 291 26.76 15.61 8.67
C THR A 291 26.63 14.34 7.83
N LYS A 292 27.70 13.99 7.10
CA LYS A 292 27.70 12.82 6.20
C LYS A 292 29.03 12.10 6.22
N PRO A 293 29.27 11.24 7.21
CA PRO A 293 30.56 10.57 7.34
C PRO A 293 30.60 9.18 6.70
N VAL A 294 31.81 8.70 6.49
CA VAL A 294 32.09 7.41 5.87
C VAL A 294 32.31 6.37 7.01
N PRO A 295 31.66 5.21 6.93
CA PRO A 295 31.77 4.24 8.03
C PRO A 295 33.00 3.34 7.92
N HIS A 296 33.24 2.61 9.01
CA HIS A 296 34.41 1.75 9.19
C HIS A 296 33.97 0.30 8.99
N LEU A 297 34.28 -0.27 7.82
CA LEU A 297 33.88 -1.63 7.51
C LEU A 297 35.06 -2.44 6.98
N ARG B 7 -6.43 22.80 -11.53
CA ARG B 7 -7.21 21.93 -10.63
C ARG B 7 -6.70 21.92 -9.19
N GLY B 8 -7.57 22.36 -8.27
CA GLY B 8 -7.16 22.66 -6.92
C GLY B 8 -6.96 21.44 -6.03
N SER B 9 -6.22 21.65 -4.95
CA SER B 9 -6.01 20.61 -3.94
C SER B 9 -7.20 20.58 -3.00
N PRO B 10 -7.97 19.49 -2.95
CA PRO B 10 -9.14 19.43 -2.07
C PRO B 10 -8.78 18.92 -0.69
N LEU B 11 -7.63 18.26 -0.58
CA LEU B 11 -7.20 17.63 0.65
C LEU B 11 -6.95 18.69 1.73
N PRO B 12 -7.13 18.32 3.01
CA PRO B 12 -6.88 19.26 4.11
C PRO B 12 -5.40 19.27 4.45
N VAL B 13 -5.04 20.08 5.45
CA VAL B 13 -3.71 20.00 6.03
C VAL B 13 -3.53 18.58 6.58
N LEU B 14 -2.54 17.86 6.05
CA LEU B 14 -2.18 16.53 6.52
C LEU B 14 -0.98 16.62 7.45
N SER B 15 -1.04 15.90 8.56
CA SER B 15 0.06 15.92 9.52
C SER B 15 1.17 14.91 9.20
N TRP B 16 0.90 13.94 8.30
CA TRP B 16 1.89 12.93 7.96
C TRP B 16 2.71 13.27 6.72
N ALA B 17 2.20 14.13 5.84
CA ALA B 17 2.98 14.62 4.71
C ALA B 17 2.36 15.93 4.24
N ASN B 18 3.15 16.69 3.48
CA ASN B 18 2.64 17.95 2.94
C ASN B 18 1.59 17.64 1.88
N ARG B 19 0.40 18.25 2.02
CA ARG B 19 -0.73 17.94 1.14
C ARG B 19 -0.50 18.38 -0.30
N GLU B 20 0.39 19.35 -0.53
CA GLU B 20 0.66 19.76 -1.90
C GLU B 20 1.41 18.67 -2.66
N GLU B 21 2.27 17.93 -1.96
CA GLU B 21 3.03 16.85 -2.59
C GLU B 21 2.19 15.59 -2.74
N VAL B 22 1.50 15.17 -1.66
CA VAL B 22 0.61 14.03 -1.73
C VAL B 22 -0.35 14.17 -2.90
N TRP B 23 -0.93 15.37 -3.06
CA TRP B 23 -1.83 15.62 -4.16
C TRP B 23 -1.10 15.56 -5.50
N LYS B 24 0.13 16.10 -5.56
CA LYS B 24 0.88 16.06 -6.80
C LYS B 24 1.22 14.63 -7.21
N ILE B 25 1.64 13.80 -6.25
CA ILE B 25 1.96 12.41 -6.56
C ILE B 25 0.72 11.67 -7.05
N MET B 26 -0.47 12.02 -6.54
CA MET B 26 -1.70 11.37 -7.00
C MET B 26 -2.03 11.74 -8.43
N LEU B 27 -1.84 13.01 -8.79
CA LEU B 27 -2.18 13.42 -10.15
C LEU B 27 -1.25 12.81 -11.17
N ASN B 28 0.05 12.81 -10.87
CA ASN B 28 1.01 12.18 -11.77
C ASN B 28 0.72 10.68 -11.93
N LYS B 29 0.22 10.04 -10.88
CA LYS B 29 -0.17 8.64 -10.99
C LYS B 29 -1.23 8.46 -12.07
N GLU B 30 -2.37 9.15 -11.93
CA GLU B 30 -3.45 9.06 -12.91
C GLU B 30 -2.96 9.34 -14.32
N LYS B 31 -1.91 10.17 -14.44
CA LYS B 31 -1.38 10.54 -15.75
C LYS B 31 -0.60 9.38 -16.36
N THR B 32 0.33 8.77 -15.63
CA THR B 32 1.19 7.74 -16.20
C THR B 32 0.51 6.38 -16.38
N TYR B 33 -0.65 6.12 -15.76
CA TYR B 33 -1.38 4.89 -16.00
C TYR B 33 -2.38 5.12 -17.13
N LEU B 34 -2.24 4.37 -18.22
CA LEU B 34 -2.90 4.71 -19.47
C LEU B 34 -4.02 3.72 -19.71
N ARG B 35 -5.16 4.22 -20.18
CA ARG B 35 -6.27 3.37 -20.57
C ARG B 35 -6.81 3.81 -21.92
N ASP B 36 -7.32 2.86 -22.70
CA ASP B 36 -7.66 3.07 -24.10
C ASP B 36 -9.08 2.56 -24.36
N GLN B 37 -10.03 3.47 -24.60
CA GLN B 37 -11.40 3.00 -24.79
C GLN B 37 -11.56 2.19 -26.06
N HIS B 38 -10.59 2.24 -26.94
CA HIS B 38 -10.66 1.56 -28.23
C HIS B 38 -9.87 0.25 -28.25
N PHE B 39 -9.42 -0.25 -27.10
CA PHE B 39 -8.46 -1.34 -27.11
C PHE B 39 -9.02 -2.62 -27.72
N LEU B 40 -10.33 -2.82 -27.70
CA LEU B 40 -10.90 -4.02 -28.31
C LEU B 40 -10.74 -4.04 -29.82
N GLU B 41 -10.31 -2.92 -30.40
CA GLU B 41 -10.05 -2.88 -31.83
C GLU B 41 -8.84 -3.74 -32.20
N GLN B 42 -7.94 -3.99 -31.26
CA GLN B 42 -6.85 -4.93 -31.47
C GLN B 42 -7.28 -6.38 -31.33
N HIS B 43 -8.55 -6.63 -30.99
CA HIS B 43 -9.07 -7.99 -30.85
C HIS B 43 -10.36 -8.09 -31.66
N PRO B 44 -10.24 -8.17 -32.98
CA PRO B 44 -11.44 -8.04 -33.82
C PRO B 44 -12.46 -9.16 -33.62
N LEU B 45 -12.05 -10.29 -33.05
CA LEU B 45 -13.00 -11.34 -32.73
C LEU B 45 -13.82 -11.05 -31.47
N LEU B 46 -13.51 -9.98 -30.77
CA LEU B 46 -14.16 -9.66 -29.51
C LEU B 46 -15.14 -8.52 -29.70
N GLN B 47 -16.11 -8.46 -28.81
CA GLN B 47 -17.16 -7.45 -28.81
C GLN B 47 -17.23 -6.87 -27.41
N PRO B 48 -17.54 -5.58 -27.27
CA PRO B 48 -17.55 -4.97 -25.93
C PRO B 48 -18.44 -5.71 -24.93
N LYS B 49 -19.55 -6.29 -25.39
CA LYS B 49 -20.44 -7.03 -24.50
C LYS B 49 -19.70 -8.17 -23.79
N MET B 50 -18.67 -8.75 -24.43
CA MET B 50 -17.93 -9.82 -23.78
C MET B 50 -17.09 -9.29 -22.63
N ARG B 51 -16.55 -8.08 -22.76
CA ARG B 51 -15.90 -7.43 -21.63
C ARG B 51 -16.92 -7.18 -20.50
N ALA B 52 -18.14 -6.77 -20.85
CA ALA B 52 -19.15 -6.54 -19.81
C ALA B 52 -19.48 -7.82 -19.08
N ILE B 53 -19.62 -8.91 -19.82
CA ILE B 53 -19.93 -10.20 -19.21
C ILE B 53 -18.81 -10.62 -18.28
N LEU B 54 -17.57 -10.47 -18.72
CA LEU B 54 -16.45 -10.89 -17.90
C LEU B 54 -16.37 -10.08 -16.60
N LEU B 55 -16.48 -8.75 -16.69
CA LEU B 55 -16.35 -7.94 -15.48
C LEU B 55 -17.53 -8.15 -14.53
N ASP B 56 -18.74 -8.25 -15.11
CA ASP B 56 -19.89 -8.58 -14.29
C ASP B 56 -19.68 -9.88 -13.51
N TRP B 57 -19.09 -10.88 -14.16
CA TRP B 57 -18.81 -12.14 -13.48
C TRP B 57 -17.74 -11.97 -12.40
N LEU B 58 -16.72 -11.13 -12.64
CA LEU B 58 -15.73 -10.91 -11.58
C LEU B 58 -16.36 -10.25 -10.36
N MET B 59 -17.30 -9.34 -10.58
CA MET B 59 -18.04 -8.74 -9.47
C MET B 59 -18.78 -9.81 -8.69
N GLU B 60 -19.41 -10.75 -9.41
CA GLU B 60 -20.14 -11.81 -8.75
C GLU B 60 -19.20 -12.63 -7.87
N VAL B 61 -18.06 -13.04 -8.43
CA VAL B 61 -17.05 -13.79 -7.68
C VAL B 61 -16.60 -13.03 -6.44
N CYS B 62 -16.33 -11.72 -6.60
CA CYS B 62 -15.91 -10.90 -5.48
C CYS B 62 -16.91 -10.94 -4.35
N GLU B 63 -18.21 -10.86 -4.69
CA GLU B 63 -19.22 -10.92 -3.64
C GLU B 63 -19.22 -12.27 -2.94
N VAL B 64 -19.06 -13.37 -3.70
CA VAL B 64 -19.13 -14.70 -3.09
C VAL B 64 -18.06 -14.83 -2.01
N TYR B 65 -16.86 -14.34 -2.29
CA TYR B 65 -15.70 -14.46 -1.43
C TYR B 65 -15.50 -13.25 -0.51
N LYS B 66 -16.42 -12.28 -0.55
CA LYS B 66 -16.35 -11.08 0.27
C LYS B 66 -15.09 -10.26 -0.02
N LEU B 67 -14.70 -10.18 -1.29
CA LEU B 67 -13.54 -9.38 -1.63
C LEU B 67 -13.90 -7.90 -1.69
N HIS B 68 -12.89 -7.06 -1.54
CA HIS B 68 -13.11 -5.63 -1.42
C HIS B 68 -13.37 -4.98 -2.79
N ARG B 69 -14.15 -3.90 -2.77
CA ARG B 69 -14.36 -3.16 -4.00
C ARG B 69 -13.03 -2.79 -4.67
N GLU B 70 -12.03 -2.41 -3.87
CA GLU B 70 -10.73 -2.02 -4.44
C GLU B 70 -10.09 -3.21 -5.16
N THR B 71 -10.21 -4.42 -4.60
CA THR B 71 -9.78 -5.64 -5.29
C THR B 71 -10.47 -5.77 -6.65
N PHE B 72 -11.79 -5.56 -6.70
CA PHE B 72 -12.42 -5.69 -8.02
C PHE B 72 -11.89 -4.62 -8.98
N TYR B 73 -11.74 -3.37 -8.52
CA TYR B 73 -11.34 -2.35 -9.48
C TYR B 73 -9.87 -2.48 -9.85
N LEU B 74 -9.05 -3.01 -8.97
CA LEU B 74 -7.69 -3.36 -9.38
C LEU B 74 -7.74 -4.38 -10.51
N ALA B 75 -8.55 -5.44 -10.33
CA ALA B 75 -8.68 -6.48 -11.35
C ALA B 75 -9.19 -5.90 -12.67
N GLN B 76 -10.20 -5.03 -12.61
CA GLN B 76 -10.67 -4.36 -13.82
C GLN B 76 -9.55 -3.61 -14.51
N ASP B 77 -8.81 -2.79 -13.74
CA ASP B 77 -7.75 -2.00 -14.35
C ASP B 77 -6.67 -2.91 -14.96
N PHE B 78 -6.34 -4.01 -14.28
CA PHE B 78 -5.30 -4.91 -14.79
C PHE B 78 -5.77 -5.57 -16.08
N PHE B 79 -7.05 -5.95 -16.13
CA PHE B 79 -7.60 -6.55 -17.32
C PHE B 79 -7.58 -5.57 -18.50
N ASP B 80 -8.13 -4.38 -18.30
CA ASP B 80 -8.19 -3.42 -19.40
C ASP B 80 -6.79 -3.02 -19.84
N ARG B 81 -5.87 -2.87 -18.89
CA ARG B 81 -4.53 -2.45 -19.28
C ARG B 81 -3.77 -3.57 -19.96
N TYR B 82 -3.96 -4.82 -19.51
CA TYR B 82 -3.29 -5.95 -20.15
C TYR B 82 -3.79 -6.16 -21.57
N MET B 83 -5.11 -6.15 -21.77
CA MET B 83 -5.67 -6.35 -23.10
C MET B 83 -5.18 -5.29 -24.08
N ALA B 84 -4.92 -4.08 -23.59
CA ALA B 84 -4.37 -3.07 -24.49
C ALA B 84 -2.97 -3.44 -24.96
N THR B 85 -2.25 -4.28 -24.21
CA THR B 85 -0.90 -4.71 -24.60
C THR B 85 -0.91 -5.91 -25.53
N GLN B 86 -2.05 -6.57 -25.74
CA GLN B 86 -2.13 -7.77 -26.56
C GLN B 86 -2.97 -7.53 -27.81
N GLU B 87 -2.91 -8.48 -28.74
CA GLU B 87 -3.81 -8.48 -29.88
C GLU B 87 -4.31 -9.89 -30.16
N ASN B 88 -5.46 -9.95 -30.83
CA ASN B 88 -6.02 -11.20 -31.37
C ASN B 88 -6.38 -12.21 -30.29
N VAL B 89 -6.84 -11.76 -29.12
CA VAL B 89 -7.23 -12.70 -28.08
C VAL B 89 -8.61 -13.26 -28.41
N VAL B 90 -8.78 -14.60 -28.25
CA VAL B 90 -10.07 -15.24 -28.51
C VAL B 90 -10.91 -15.24 -27.25
N LYS B 91 -12.23 -15.29 -27.44
CA LYS B 91 -13.15 -15.11 -26.32
C LYS B 91 -13.04 -16.23 -25.29
N THR B 92 -12.69 -17.45 -25.72
CA THR B 92 -12.53 -18.54 -24.76
C THR B 92 -11.36 -18.32 -23.80
N LEU B 93 -10.51 -17.31 -24.01
CA LEU B 93 -9.42 -16.99 -23.09
C LEU B 93 -9.77 -15.88 -22.10
N LEU B 94 -10.86 -15.14 -22.31
CA LEU B 94 -11.15 -13.99 -21.47
C LEU B 94 -11.34 -14.40 -20.01
N GLN B 95 -11.96 -15.55 -19.79
CA GLN B 95 -12.19 -16.00 -18.42
C GLN B 95 -10.87 -16.16 -17.67
N LEU B 96 -9.89 -16.83 -18.29
CA LEU B 96 -8.58 -17.03 -17.68
C LEU B 96 -7.90 -15.70 -17.36
N ILE B 97 -7.94 -14.75 -18.32
CA ILE B 97 -7.35 -13.44 -18.10
C ILE B 97 -8.05 -12.71 -16.94
N GLY B 98 -9.37 -12.74 -16.92
CA GLY B 98 -10.09 -12.04 -15.86
C GLY B 98 -9.80 -12.64 -14.50
N ILE B 99 -9.93 -13.97 -14.38
CA ILE B 99 -9.78 -14.58 -13.07
C ILE B 99 -8.35 -14.40 -12.56
N SER B 100 -7.37 -14.41 -13.46
CA SER B 100 -5.96 -14.21 -13.09
C SER B 100 -5.67 -12.78 -12.68
N SER B 101 -6.33 -11.80 -13.34
CA SER B 101 -6.25 -10.40 -12.88
C SER B 101 -6.78 -10.27 -11.45
N LEU B 102 -7.87 -10.97 -11.15
CA LEU B 102 -8.45 -10.93 -9.81
C LEU B 102 -7.54 -11.63 -8.79
N PHE B 103 -6.91 -12.73 -9.20
CA PHE B 103 -5.94 -13.39 -8.32
C PHE B 103 -4.84 -12.42 -7.92
N ILE B 104 -4.21 -11.78 -8.92
CA ILE B 104 -3.16 -10.78 -8.66
C ILE B 104 -3.70 -9.72 -7.72
N ALA B 105 -4.87 -9.16 -8.06
CA ALA B 105 -5.43 -8.06 -7.29
C ALA B 105 -5.71 -8.51 -5.87
N ALA B 106 -6.24 -9.71 -5.68
CA ALA B 106 -6.53 -10.16 -4.32
C ALA B 106 -5.25 -10.39 -3.53
N LYS B 107 -4.18 -10.87 -4.17
CA LYS B 107 -2.96 -11.04 -3.38
C LYS B 107 -2.36 -9.69 -3.02
N LEU B 108 -2.61 -8.67 -3.84
CA LEU B 108 -2.13 -7.34 -3.51
C LEU B 108 -2.89 -6.73 -2.35
N GLU B 109 -4.21 -6.89 -2.36
CA GLU B 109 -5.11 -6.04 -1.61
C GLU B 109 -5.68 -6.66 -0.35
N GLU B 110 -5.98 -7.96 -0.38
CA GLU B 110 -6.64 -8.64 0.73
C GLU B 110 -5.64 -9.12 1.77
N ILE B 111 -6.05 -9.06 3.03
CA ILE B 111 -5.24 -9.60 4.11
C ILE B 111 -5.08 -11.10 3.92
N TYR B 112 -6.21 -11.79 3.71
CA TYR B 112 -6.27 -13.24 3.62
C TYR B 112 -6.99 -13.57 2.32
N PRO B 113 -6.29 -13.53 1.19
CA PRO B 113 -6.96 -13.70 -0.09
C PRO B 113 -7.41 -15.14 -0.24
N PRO B 114 -8.39 -15.43 -1.10
CA PRO B 114 -8.73 -16.84 -1.34
C PRO B 114 -7.52 -17.54 -1.92
N LYS B 115 -7.42 -18.84 -1.63
CA LYS B 115 -6.37 -19.69 -2.17
C LYS B 115 -6.56 -19.89 -3.67
N LEU B 116 -5.45 -20.21 -4.35
CA LEU B 116 -5.48 -20.51 -5.78
C LEU B 116 -6.62 -21.46 -6.14
N HIS B 117 -6.81 -22.53 -5.34
CA HIS B 117 -7.84 -23.49 -5.70
C HIS B 117 -9.26 -22.91 -5.73
N GLN B 118 -9.53 -21.78 -5.06
CA GLN B 118 -10.84 -21.13 -5.19
C GLN B 118 -10.98 -20.36 -6.51
N PHE B 119 -9.93 -19.66 -6.93
CA PHE B 119 -9.98 -19.01 -8.24
C PHE B 119 -10.20 -20.02 -9.35
N ALA B 120 -9.51 -21.16 -9.28
CA ALA B 120 -9.78 -22.21 -10.25
C ALA B 120 -11.18 -22.77 -10.09
N TYR B 121 -11.62 -23.00 -8.84
CA TYR B 121 -12.95 -23.56 -8.59
C TYR B 121 -14.07 -22.75 -9.25
N VAL B 122 -14.07 -21.42 -9.08
CA VAL B 122 -15.21 -20.65 -9.63
C VAL B 122 -15.32 -20.70 -11.16
N THR B 123 -14.26 -21.12 -11.87
CA THR B 123 -14.34 -21.30 -13.32
C THR B 123 -14.91 -22.64 -13.73
N ASP B 124 -15.37 -23.45 -12.78
CA ASP B 124 -16.08 -24.72 -13.06
C ASP B 124 -15.29 -25.63 -14.00
N GLY B 125 -13.97 -25.65 -13.84
CA GLY B 125 -13.14 -26.51 -14.66
C GLY B 125 -12.54 -25.85 -15.89
N ALA B 126 -12.96 -24.63 -16.24
CA ALA B 126 -12.41 -23.97 -17.42
C ALA B 126 -10.93 -23.61 -17.24
N CYS B 127 -10.53 -23.24 -16.03
CA CYS B 127 -9.18 -22.76 -15.76
C CYS B 127 -8.62 -23.54 -14.58
N SER B 128 -7.51 -24.23 -14.80
CA SER B 128 -6.80 -24.92 -13.73
C SER B 128 -5.92 -23.95 -12.96
N GLY B 129 -5.46 -24.39 -11.78
CA GLY B 129 -4.47 -23.62 -11.04
C GLY B 129 -3.24 -23.31 -11.87
N ASP B 130 -2.70 -24.32 -12.55
CA ASP B 130 -1.50 -24.10 -13.35
C ASP B 130 -1.72 -23.03 -14.41
N GLU B 131 -2.88 -23.03 -15.05
CA GLU B 131 -3.16 -22.03 -16.07
C GLU B 131 -3.23 -20.64 -15.47
N ILE B 132 -3.77 -20.52 -14.25
CA ILE B 132 -3.82 -19.21 -13.61
C ILE B 132 -2.42 -18.74 -13.25
N LEU B 133 -1.57 -19.63 -12.76
CA LEU B 133 -0.21 -19.22 -12.43
C LEU B 133 0.57 -18.81 -13.69
N THR B 134 0.31 -19.47 -14.82
CA THR B 134 0.97 -19.07 -16.07
C THR B 134 0.50 -17.69 -16.48
N MET B 135 -0.81 -17.45 -16.40
CA MET B 135 -1.37 -16.20 -16.88
C MET B 135 -1.00 -15.03 -15.98
N GLU B 136 -0.90 -15.25 -14.66
CA GLU B 136 -0.58 -14.11 -13.79
C GLU B 136 0.81 -13.57 -14.12
N LEU B 137 1.76 -14.46 -14.47
CA LEU B 137 3.07 -13.96 -14.88
C LEU B 137 3.00 -13.23 -16.23
N MET B 138 2.20 -13.74 -17.17
CA MET B 138 2.01 -13.03 -18.43
C MET B 138 1.48 -11.61 -18.20
N ILE B 139 0.46 -11.49 -17.36
CA ILE B 139 -0.16 -10.19 -17.07
C ILE B 139 0.85 -9.27 -16.40
N MET B 140 1.48 -9.74 -15.31
CA MET B 140 2.34 -8.83 -14.57
C MET B 140 3.52 -8.40 -15.42
N LYS B 141 4.12 -9.33 -16.15
CA LYS B 141 5.22 -8.93 -17.04
C LYS B 141 4.76 -7.96 -18.11
N ALA B 142 3.62 -8.24 -18.74
CA ALA B 142 3.17 -7.35 -19.81
C ALA B 142 2.81 -5.97 -19.25
N LEU B 143 2.33 -5.90 -18.01
CA LEU B 143 2.12 -4.59 -17.38
C LEU B 143 3.41 -3.96 -16.83
N LYS B 144 4.55 -4.63 -17.00
CA LYS B 144 5.81 -4.15 -16.46
C LYS B 144 5.75 -3.97 -14.95
N TRP B 145 4.95 -4.80 -14.28
CA TRP B 145 4.78 -4.75 -12.82
C TRP B 145 4.22 -3.40 -12.33
N ARG B 146 3.54 -2.65 -13.21
CA ARG B 146 2.86 -1.42 -12.81
C ARG B 146 1.48 -1.83 -12.30
N LEU B 147 1.38 -2.07 -11.01
CA LEU B 147 0.21 -2.70 -10.42
C LEU B 147 -0.36 -1.87 -9.28
N SER B 148 -0.05 -0.58 -9.24
CA SER B 148 -0.53 0.31 -8.18
C SER B 148 -1.26 1.52 -8.78
N PRO B 149 -2.29 1.31 -9.58
CA PRO B 149 -3.08 2.44 -10.06
C PRO B 149 -3.95 3.02 -8.95
N LEU B 150 -4.46 4.21 -9.19
CA LEU B 150 -5.57 4.77 -8.42
C LEU B 150 -6.84 4.30 -9.09
N THR B 151 -7.56 3.38 -8.45
CA THR B 151 -8.74 2.82 -9.07
C THR B 151 -9.88 3.82 -9.04
N ILE B 152 -10.93 3.49 -9.79
CA ILE B 152 -12.15 4.28 -9.78
C ILE B 152 -12.68 4.42 -8.36
N VAL B 153 -12.74 3.32 -7.60
CA VAL B 153 -13.35 3.38 -6.29
C VAL B 153 -12.42 4.06 -5.29
N SER B 154 -11.11 4.05 -5.49
CA SER B 154 -10.28 4.78 -4.54
C SER B 154 -10.55 6.29 -4.64
N TRP B 155 -10.75 6.79 -5.86
CA TRP B 155 -11.16 8.17 -6.02
C TRP B 155 -12.46 8.43 -5.26
N LEU B 156 -13.43 7.53 -5.39
CA LEU B 156 -14.66 7.74 -4.63
C LEU B 156 -14.37 7.81 -3.14
N ASN B 157 -13.43 6.98 -2.65
CA ASN B 157 -13.15 6.99 -1.21
C ASN B 157 -12.54 8.33 -0.79
N VAL B 158 -11.62 8.86 -1.59
CA VAL B 158 -11.05 10.18 -1.30
C VAL B 158 -12.15 11.24 -1.26
N TYR B 159 -13.03 11.24 -2.25
CA TYR B 159 -14.06 12.27 -2.32
C TYR B 159 -14.99 12.19 -1.11
N MET B 160 -15.42 10.97 -0.75
CA MET B 160 -16.25 10.79 0.44
C MET B 160 -15.54 11.29 1.69
N GLN B 161 -14.26 10.96 1.87
CA GLN B 161 -13.55 11.44 3.05
C GLN B 161 -13.54 12.96 3.11
N VAL B 162 -13.21 13.61 1.99
CA VAL B 162 -13.15 15.07 1.98
C VAL B 162 -14.52 15.65 2.28
N ALA B 163 -15.56 15.06 1.69
CA ALA B 163 -16.92 15.55 1.90
C ALA B 163 -17.29 15.56 3.38
N TYR B 164 -16.89 14.56 4.13
CA TYR B 164 -17.34 14.40 5.51
C TYR B 164 -16.25 14.71 6.51
N LEU B 165 -15.22 15.40 6.08
CA LEU B 165 -14.20 15.96 6.96
C LEU B 165 -14.86 16.74 8.09
N ASN B 166 -14.61 16.31 9.33
CA ASN B 166 -15.15 17.01 10.49
C ASN B 166 -14.15 18.02 11.04
N ASP B 167 -14.13 18.20 12.35
CA ASP B 167 -13.23 19.16 12.98
C ASP B 167 -11.88 18.56 13.34
N LEU B 168 -11.71 17.24 13.16
CA LEU B 168 -10.44 16.61 13.48
C LEU B 168 -9.44 16.73 12.34
N HIS B 169 -9.93 16.78 11.10
CA HIS B 169 -9.12 16.81 9.89
C HIS B 169 -8.19 15.60 9.76
N GLU B 170 -8.38 14.57 10.58
CA GLU B 170 -7.62 13.32 10.47
C GLU B 170 -8.25 12.50 9.34
N VAL B 171 -7.82 12.82 8.11
CA VAL B 171 -8.47 12.28 6.91
C VAL B 171 -8.25 10.79 6.71
N LEU B 172 -7.44 10.13 7.53
CA LEU B 172 -7.19 8.71 7.33
C LEU B 172 -8.18 7.82 8.05
N LEU B 173 -8.76 8.26 9.16
CA LEU B 173 -9.82 7.50 9.81
C LEU B 173 -11.09 7.65 8.97
N PRO B 174 -11.76 6.54 8.62
CA PRO B 174 -13.00 6.64 7.83
C PRO B 174 -14.04 7.43 8.58
N GLN B 175 -14.72 8.32 7.87
CA GLN B 175 -15.76 9.10 8.54
C GLN B 175 -16.93 9.46 7.63
N TYR B 176 -17.13 8.74 6.55
CA TYR B 176 -18.26 9.01 5.72
C TYR B 176 -19.35 7.97 5.92
N PRO B 177 -20.61 8.34 5.68
CA PRO B 177 -21.71 7.38 5.86
C PRO B 177 -21.76 6.35 4.74
N GLN B 178 -22.38 5.21 5.05
CA GLN B 178 -22.29 4.07 4.16
C GLN B 178 -23.21 4.17 2.94
N GLN B 179 -24.45 4.65 3.11
CA GLN B 179 -25.41 4.63 2.00
C GLN B 179 -24.94 5.46 0.80
N ILE B 180 -24.49 6.69 1.03
CA ILE B 180 -24.08 7.52 -0.11
C ILE B 180 -22.94 6.83 -0.85
N PHE B 181 -22.04 6.19 -0.10
CA PHE B 181 -20.92 5.49 -0.76
C PHE B 181 -21.42 4.32 -1.64
N ILE B 182 -22.28 3.44 -1.11
CA ILE B 182 -22.65 2.30 -1.93
C ILE B 182 -23.53 2.73 -3.09
N GLN B 183 -24.33 3.81 -2.92
CA GLN B 183 -25.18 4.27 -4.01
C GLN B 183 -24.36 4.78 -5.18
N ILE B 184 -23.26 5.50 -4.90
CA ILE B 184 -22.47 6.00 -6.01
C ILE B 184 -21.63 4.87 -6.61
N ALA B 185 -21.06 4.00 -5.75
CA ALA B 185 -20.36 2.83 -6.24
C ALA B 185 -21.22 2.02 -7.18
N GLU B 186 -22.51 1.89 -6.86
CA GLU B 186 -23.41 1.12 -7.71
C GLU B 186 -23.56 1.73 -9.11
N LEU B 187 -23.53 3.04 -9.24
CA LEU B 187 -23.53 3.64 -10.58
C LEU B 187 -22.20 3.42 -11.29
N LEU B 188 -21.09 3.63 -10.58
CA LEU B 188 -19.78 3.35 -11.16
C LEU B 188 -19.68 1.88 -11.59
N ASP B 189 -20.21 0.95 -10.78
CA ASP B 189 -20.20 -0.47 -11.14
C ASP B 189 -20.96 -0.74 -12.43
N LEU B 190 -22.00 0.03 -12.73
CA LEU B 190 -22.70 -0.13 -14.00
C LEU B 190 -21.93 0.50 -15.15
N CYS B 191 -21.37 1.70 -14.94
CA CYS B 191 -20.61 2.39 -15.99
C CYS B 191 -19.41 1.59 -16.43
N VAL B 192 -18.66 1.06 -15.46
CA VAL B 192 -17.39 0.40 -15.79
C VAL B 192 -17.60 -0.78 -16.70
N LEU B 193 -18.84 -1.27 -16.82
CA LEU B 193 -19.10 -2.39 -17.71
C LEU B 193 -19.11 -1.97 -19.18
N ASP B 194 -19.14 -0.67 -19.47
CA ASP B 194 -19.12 -0.14 -20.82
C ASP B 194 -17.69 0.28 -21.12
N VAL B 195 -17.07 -0.32 -22.13
CA VAL B 195 -15.68 0.04 -22.43
C VAL B 195 -15.55 1.52 -22.77
N ASP B 196 -16.63 2.17 -23.22
CA ASP B 196 -16.57 3.61 -23.49
C ASP B 196 -16.22 4.42 -22.25
N CYS B 197 -16.31 3.84 -21.05
CA CYS B 197 -15.96 4.61 -19.87
C CYS B 197 -14.49 4.95 -19.83
N LEU B 198 -13.65 4.21 -20.56
CA LEU B 198 -12.20 4.44 -20.44
C LEU B 198 -11.74 5.73 -21.08
N GLU B 199 -12.60 6.38 -21.89
CA GLU B 199 -12.28 7.70 -22.40
C GLU B 199 -11.91 8.66 -21.27
N PHE B 200 -12.45 8.46 -20.09
CA PHE B 200 -12.42 9.43 -19.02
C PHE B 200 -11.48 8.97 -17.92
N PRO B 201 -10.64 9.87 -17.41
CA PRO B 201 -9.77 9.49 -16.30
C PRO B 201 -10.65 9.00 -15.16
N TYR B 202 -10.07 8.10 -14.36
CA TYR B 202 -10.80 7.47 -13.29
C TYR B 202 -11.34 8.49 -12.28
N GLY B 203 -10.55 9.52 -11.97
CA GLY B 203 -11.02 10.51 -11.01
C GLY B 203 -12.21 11.30 -11.53
N ILE B 204 -12.31 11.45 -12.85
CA ILE B 204 -13.45 12.13 -13.44
C ILE B 204 -14.67 11.21 -13.47
N LEU B 205 -14.48 9.91 -13.72
CA LEU B 205 -15.60 9.00 -13.61
C LEU B 205 -16.18 9.05 -12.20
N ALA B 206 -15.31 9.07 -11.20
CA ALA B 206 -15.83 9.10 -9.84
C ALA B 206 -16.41 10.47 -9.52
N ALA B 207 -15.81 11.53 -10.03
CA ALA B 207 -16.40 12.84 -9.74
C ALA B 207 -17.75 12.98 -10.44
N SER B 208 -17.87 12.43 -11.66
CA SER B 208 -19.12 12.55 -12.40
C SER B 208 -20.24 11.73 -11.75
N ALA B 209 -19.93 10.50 -11.34
CA ALA B 209 -20.93 9.69 -10.64
C ALA B 209 -21.34 10.36 -9.34
N LEU B 210 -20.38 10.93 -8.60
CA LEU B 210 -20.72 11.67 -7.40
C LEU B 210 -21.64 12.85 -7.71
N TYR B 211 -21.34 13.59 -8.78
CA TYR B 211 -22.19 14.71 -9.16
C TYR B 211 -23.62 14.25 -9.36
N HIS B 212 -23.82 13.10 -10.00
CA HIS B 212 -25.18 12.65 -10.26
C HIS B 212 -25.93 12.24 -9.00
N PHE B 213 -25.24 12.05 -7.86
CA PHE B 213 -25.94 11.83 -6.60
C PHE B 213 -25.86 13.05 -5.67
N SER B 214 -25.45 14.22 -6.14
CA SER B 214 -25.38 15.33 -5.19
C SER B 214 -25.53 16.65 -5.91
N SER B 215 -24.44 17.40 -6.09
CA SER B 215 -24.55 18.70 -6.72
C SER B 215 -23.21 19.12 -7.30
N SER B 216 -23.24 20.22 -8.07
CA SER B 216 -22.02 20.83 -8.57
C SER B 216 -21.14 21.30 -7.44
N GLU B 217 -21.75 21.87 -6.41
CA GLU B 217 -20.99 22.48 -5.33
C GLU B 217 -20.21 21.41 -4.56
N LEU B 218 -20.81 20.25 -4.35
CA LEU B 218 -20.12 19.20 -3.61
C LEU B 218 -19.03 18.59 -4.47
N MET B 219 -19.36 18.23 -5.72
CA MET B 219 -18.35 17.74 -6.65
C MET B 219 -17.11 18.63 -6.63
N GLN B 220 -17.30 19.93 -6.87
CA GLN B 220 -16.15 20.83 -6.92
C GLN B 220 -15.40 20.85 -5.61
N LYS B 221 -16.12 20.91 -4.49
CA LYS B 221 -15.47 21.01 -3.19
C LYS B 221 -14.59 19.79 -2.90
N VAL B 222 -15.02 18.59 -3.28
CA VAL B 222 -14.27 17.40 -2.90
C VAL B 222 -13.27 16.93 -3.95
N SER B 223 -13.37 17.40 -5.19
CA SER B 223 -12.52 16.91 -6.27
C SER B 223 -11.60 17.95 -6.86
N GLY B 224 -11.84 19.25 -6.62
CA GLY B 224 -11.05 20.26 -7.27
C GLY B 224 -11.31 20.43 -8.76
N TYR B 225 -12.15 19.59 -9.36
CA TYR B 225 -12.49 19.76 -10.77
C TYR B 225 -13.42 20.96 -10.96
N GLN B 226 -13.31 21.59 -12.12
CA GLN B 226 -14.35 22.51 -12.57
C GLN B 226 -15.36 21.75 -13.42
N TRP B 227 -16.51 22.39 -13.65
CA TRP B 227 -17.56 21.78 -14.45
C TRP B 227 -17.02 21.36 -15.81
N CYS B 228 -16.23 22.23 -16.46
CA CYS B 228 -15.78 21.96 -17.82
C CYS B 228 -14.92 20.70 -17.92
N ASP B 229 -14.20 20.33 -16.85
CA ASP B 229 -13.38 19.12 -16.91
C ASP B 229 -14.22 17.85 -16.94
N ILE B 230 -15.36 17.82 -16.24
CA ILE B 230 -16.18 16.60 -16.15
C ILE B 230 -17.39 16.64 -17.07
N GLU B 231 -17.63 17.75 -17.77
CA GLU B 231 -18.89 17.93 -18.48
C GLU B 231 -19.18 16.76 -19.43
N ASN B 232 -18.19 16.39 -20.25
CA ASN B 232 -18.38 15.30 -21.20
C ASN B 232 -18.70 13.99 -20.49
N CYS B 233 -17.97 13.68 -19.42
CA CYS B 233 -18.25 12.44 -18.69
C CYS B 233 -19.64 12.47 -18.06
N VAL B 234 -19.99 13.57 -17.39
CA VAL B 234 -21.34 13.73 -16.83
C VAL B 234 -22.40 13.47 -17.89
N LYS B 235 -22.27 14.08 -19.07
CA LYS B 235 -23.26 13.85 -20.12
C LYS B 235 -23.26 12.41 -20.59
N TRP B 236 -22.07 11.80 -20.73
CA TRP B 236 -22.02 10.41 -21.13
C TRP B 236 -22.75 9.54 -20.12
N MET B 237 -22.65 9.90 -18.83
CA MET B 237 -23.16 9.09 -17.74
C MET B 237 -24.67 9.21 -17.56
N VAL B 238 -25.30 10.24 -18.11
CA VAL B 238 -26.72 10.54 -17.85
C VAL B 238 -27.60 9.30 -17.97
N PRO B 239 -27.60 8.57 -19.10
CA PRO B 239 -28.48 7.39 -19.18
C PRO B 239 -28.14 6.30 -18.18
N PHE B 240 -26.90 6.23 -17.71
CA PHE B 240 -26.57 5.25 -16.67
C PHE B 240 -27.16 5.66 -15.33
N ALA B 241 -27.00 6.94 -14.97
CA ALA B 241 -27.65 7.46 -13.77
C ALA B 241 -29.14 7.19 -13.80
N MET B 242 -29.77 7.41 -14.96
CA MET B 242 -31.22 7.29 -15.06
C MET B 242 -31.68 5.85 -14.82
N VAL B 243 -30.99 4.89 -15.45
CA VAL B 243 -31.31 3.48 -15.25
C VAL B 243 -31.14 3.09 -13.78
N ILE B 244 -30.10 3.60 -13.13
CA ILE B 244 -29.92 3.31 -11.71
C ILE B 244 -31.04 3.95 -10.88
N ARG B 245 -31.38 5.21 -11.18
CA ARG B 245 -32.48 5.86 -10.47
C ARG B 245 -33.78 5.11 -10.66
N GLU B 246 -34.05 4.67 -11.89
CA GLU B 246 -35.31 4.01 -12.21
C GLU B 246 -35.49 2.71 -11.44
N THR B 247 -34.42 1.95 -11.27
CA THR B 247 -34.56 0.66 -10.60
C THR B 247 -34.38 0.75 -9.10
N GLY B 248 -33.89 1.87 -8.59
CA GLY B 248 -33.68 1.99 -7.17
C GLY B 248 -32.28 1.58 -6.79
N SER B 249 -31.74 2.26 -5.78
CA SER B 249 -30.43 1.90 -5.26
C SER B 249 -30.52 0.68 -4.35
N SER B 250 -29.57 -0.23 -4.51
CA SER B 250 -29.48 -1.41 -3.66
C SER B 250 -29.32 -1.01 -2.19
N LYS B 251 -29.78 -1.88 -1.30
CA LYS B 251 -29.56 -1.71 0.12
C LYS B 251 -28.23 -2.37 0.54
N LEU B 252 -27.82 -2.07 1.78
CA LEU B 252 -26.50 -2.42 2.28
C LEU B 252 -26.50 -3.89 2.70
N LYS B 253 -25.62 -4.69 2.12
CA LYS B 253 -25.66 -6.10 2.47
C LYS B 253 -24.89 -6.35 3.77
N HIS B 254 -25.21 -7.49 4.40
CA HIS B 254 -24.50 -8.05 5.56
C HIS B 254 -23.63 -9.21 5.09
N PHE B 255 -22.41 -9.32 5.64
CA PHE B 255 -21.50 -10.39 5.24
C PHE B 255 -20.95 -11.09 6.46
N ARG B 256 -20.92 -12.43 6.41
CA ARG B 256 -20.40 -13.19 7.52
C ARG B 256 -18.95 -12.81 7.78
N GLY B 257 -18.60 -12.67 9.07
CA GLY B 257 -17.25 -12.29 9.46
C GLY B 257 -16.86 -10.85 9.17
N VAL B 258 -17.78 -10.02 8.69
CA VAL B 258 -17.50 -8.64 8.34
C VAL B 258 -18.31 -7.75 9.25
N ALA B 259 -17.65 -6.85 9.99
CA ALA B 259 -18.38 -5.90 10.82
C ALA B 259 -19.34 -5.10 9.96
N ASP B 260 -20.53 -4.86 10.50
CA ASP B 260 -21.53 -4.11 9.77
C ASP B 260 -21.04 -2.71 9.41
N GLU B 261 -20.16 -2.14 10.22
CA GLU B 261 -19.63 -0.80 9.97
C GLU B 261 -18.59 -0.79 8.85
N ASP B 262 -18.14 -1.97 8.41
CA ASP B 262 -17.19 -2.13 7.31
C ASP B 262 -17.78 -2.75 6.06
N ALA B 263 -19.10 -3.03 6.03
CA ALA B 263 -19.64 -3.85 4.95
C ALA B 263 -19.73 -3.10 3.63
N HIS B 264 -19.78 -1.76 3.66
CA HIS B 264 -19.84 -0.98 2.44
C HIS B 264 -18.59 -1.14 1.58
N ASN B 265 -17.50 -1.69 2.14
CA ASN B 265 -16.25 -1.90 1.42
C ASN B 265 -16.24 -3.18 0.60
N ILE B 266 -17.22 -4.06 0.81
CA ILE B 266 -17.25 -5.36 0.14
C ILE B 266 -17.93 -5.22 -1.21
N GLN B 267 -17.29 -5.75 -2.24
CA GLN B 267 -17.85 -5.69 -3.59
C GLN B 267 -19.19 -6.45 -3.65
N THR B 268 -20.24 -5.81 -4.17
CA THR B 268 -21.51 -6.49 -4.29
C THR B 268 -21.82 -6.78 -5.76
N HIS B 269 -22.84 -7.58 -5.98
CA HIS B 269 -23.21 -7.95 -7.33
C HIS B 269 -24.72 -8.12 -7.47
N ARG B 270 -25.23 -7.64 -8.58
CA ARG B 270 -26.55 -7.99 -9.07
C ARG B 270 -26.44 -8.16 -10.57
N ASP B 271 -27.37 -8.89 -11.17
CA ASP B 271 -27.35 -9.01 -12.62
C ASP B 271 -27.58 -7.64 -13.23
N SER B 272 -26.62 -7.20 -14.03
CA SER B 272 -26.54 -5.82 -14.44
C SER B 272 -26.46 -5.69 -15.96
N LEU B 273 -26.50 -6.80 -16.69
CA LEU B 273 -26.37 -6.70 -18.14
C LEU B 273 -27.63 -6.12 -18.81
N ASP B 274 -28.82 -6.40 -18.28
CA ASP B 274 -30.02 -5.78 -18.87
C ASP B 274 -30.05 -4.28 -18.60
N LEU B 275 -29.70 -3.87 -17.38
CA LEU B 275 -29.52 -2.44 -17.11
C LEU B 275 -28.52 -1.81 -18.05
N LEU B 276 -27.45 -2.53 -18.37
CA LEU B 276 -26.41 -1.98 -19.23
C LEU B 276 -26.93 -1.72 -20.63
N ASP B 277 -27.64 -2.70 -21.21
CA ASP B 277 -28.21 -2.48 -22.53
C ASP B 277 -29.25 -1.38 -22.49
N LYS B 278 -29.99 -1.29 -21.38
CA LYS B 278 -30.98 -0.22 -21.22
C LYS B 278 -30.31 1.14 -21.21
N ALA B 279 -29.15 1.25 -20.56
CA ALA B 279 -28.44 2.52 -20.54
C ALA B 279 -27.86 2.85 -21.91
N ARG B 280 -27.37 1.83 -22.63
CA ARG B 280 -26.73 2.05 -23.92
C ARG B 280 -27.74 2.26 -25.03
N ALA B 281 -28.99 1.85 -24.80
CA ALA B 281 -30.06 2.07 -25.76
C ALA B 281 -30.53 3.53 -25.77
N LYS B 282 -30.32 4.28 -24.69
CA LYS B 282 -30.91 5.61 -24.60
C LYS B 282 -30.14 6.64 -25.41
N LYS B 283 -28.83 6.46 -25.56
CA LYS B 283 -28.03 7.33 -26.42
C LYS B 283 -27.16 6.49 -27.37
#